data_6F7G
#
_entry.id   6F7G
#
_cell.length_a   35.349
_cell.length_b   55.548
_cell.length_c   66.992
_cell.angle_alpha   90.000
_cell.angle_beta   98.820
_cell.angle_gamma   90.000
#
_symmetry.space_group_name_H-M   'P 1 21 1'
#
loop_
_entity.id
_entity.type
_entity.pdbx_description
1 polymer 'Trp operon repressor'
2 non-polymer 2-(5-methyl-1~{H}-indol-3-yl)ethanamine
3 water water
#
_entity_poly.entity_id   1
_entity_poly.type   'polypeptide(L)'
_entity_poly.pdbx_seq_one_letter_code
;QSPYSAAMAEQRHQEWLRFVDLLKNAYQNDLHLPLLNLMLTPDEREALGTRVRIVEELLRGEMSQRELKNELGAGIATIT
RGSNSLKAAPVELRQWLEEVLLK
;
_entity_poly.pdbx_strand_id   A,C
#
loop_
_chem_comp.id
_chem_comp.type
_chem_comp.name
_chem_comp.formula
CVW non-polymer 2-(5-methyl-1~{H}-indol-3-yl)ethanamine 'C11 H14 N2'
#
# COMPACT_ATOMS: atom_id res chain seq x y z
N GLN A 1 -30.77 7.42 5.09
CA GLN A 1 -29.52 6.71 4.83
C GLN A 1 -29.35 5.54 5.79
N SER A 2 -28.75 4.46 5.30
CA SER A 2 -28.54 3.29 6.14
C SER A 2 -27.54 3.61 7.25
N PRO A 3 -27.79 3.17 8.49
CA PRO A 3 -26.74 3.26 9.52
C PRO A 3 -25.44 2.60 9.09
N TYR A 4 -25.51 1.47 8.39
CA TYR A 4 -24.35 0.80 7.81
C TYR A 4 -24.69 0.48 6.36
N SER A 5 -23.88 0.98 5.42
CA SER A 5 -24.12 0.73 4.01
C SER A 5 -23.25 -0.44 3.54
N ALA A 6 -23.85 -1.63 3.44
CA ALA A 6 -23.17 -2.73 2.80
C ALA A 6 -22.81 -2.41 1.34
N ALA A 7 -23.67 -1.65 0.67
CA ALA A 7 -23.43 -1.32 -0.74
C ALA A 7 -22.16 -0.50 -0.89
N MET A 8 -22.01 0.53 -0.04
CA MET A 8 -20.80 1.35 -0.09
C MET A 8 -19.58 0.55 0.35
N ALA A 9 -19.74 -0.33 1.34
CA ALA A 9 -18.60 -1.16 1.74
C ALA A 9 -18.10 -1.97 0.55
N GLU A 10 -19.01 -2.55 -0.23
CA GLU A 10 -18.60 -3.35 -1.38
C GLU A 10 -18.01 -2.49 -2.48
N GLN A 11 -18.56 -1.29 -2.68
CA GLN A 11 -17.98 -0.38 -3.67
C GLN A 11 -16.55 -0.02 -3.31
N ARG A 12 -16.30 0.28 -2.02
CA ARG A 12 -14.94 0.55 -1.58
C ARG A 12 -14.06 -0.67 -1.76
N HIS A 13 -14.61 -1.85 -1.50
CA HIS A 13 -13.79 -3.04 -1.68
C HIS A 13 -13.41 -3.23 -3.15
N GLN A 14 -14.33 -2.95 -4.07
CA GLN A 14 -14.00 -3.10 -5.48
C GLN A 14 -12.92 -2.10 -5.91
N GLU A 15 -12.99 -0.88 -5.38
CA GLU A 15 -11.92 0.11 -5.61
C GLU A 15 -10.58 -0.40 -5.09
N TRP A 16 -10.59 -1.05 -3.92
CA TRP A 16 -9.36 -1.61 -3.39
C TRP A 16 -8.85 -2.74 -4.28
N LEU A 17 -9.75 -3.62 -4.73
CA LEU A 17 -9.30 -4.71 -5.59
C LEU A 17 -8.78 -4.19 -6.92
N ARG A 18 -9.32 -3.06 -7.40
CA ARG A 18 -8.77 -2.47 -8.63
C ARG A 18 -7.32 -2.06 -8.44
N PHE A 19 -6.98 -1.51 -7.28
CA PHE A 19 -5.59 -1.20 -6.99
C PHE A 19 -4.75 -2.48 -6.94
N VAL A 20 -5.24 -3.48 -6.21
CA VAL A 20 -4.50 -4.74 -6.09
C VAL A 20 -4.20 -5.30 -7.47
N ASP A 21 -5.18 -5.27 -8.37
CA ASP A 21 -4.99 -5.81 -9.72
C ASP A 21 -4.04 -4.95 -10.53
N LEU A 22 -4.14 -3.63 -10.37
CA LEU A 22 -3.22 -2.72 -11.03
C LEU A 22 -1.78 -3.00 -10.64
N LEU A 23 -1.53 -3.17 -9.33
CA LEU A 23 -0.17 -3.43 -8.88
C LEU A 23 0.30 -4.83 -9.29
N LYS A 24 -0.61 -5.82 -9.29
CA LYS A 24 -0.26 -7.15 -9.79
C LYS A 24 0.32 -7.04 -11.19
N ASN A 25 -0.40 -6.34 -12.05
CA ASN A 25 0.02 -6.21 -13.44
C ASN A 25 1.28 -5.36 -13.56
N ALA A 26 1.47 -4.37 -12.68
CA ALA A 26 2.68 -3.57 -12.75
C ALA A 26 3.91 -4.40 -12.40
N TYR A 27 3.76 -5.33 -11.46
CA TYR A 27 4.86 -6.25 -11.16
C TYR A 27 5.21 -7.08 -12.38
N GLN A 28 4.22 -7.44 -13.20
CA GLN A 28 4.48 -8.29 -14.35
C GLN A 28 5.26 -7.59 -15.46
N ASN A 29 5.25 -6.25 -15.50
CA ASN A 29 5.97 -5.57 -16.58
C ASN A 29 6.97 -4.55 -16.04
N ASP A 30 7.37 -4.69 -14.77
CA ASP A 30 8.45 -3.91 -14.16
C ASP A 30 8.07 -2.45 -14.00
N LEU A 31 6.77 -2.17 -13.84
CA LEU A 31 6.31 -0.82 -13.52
C LEU A 31 5.91 -0.68 -12.05
N HIS A 32 6.25 -1.68 -11.21
CA HIS A 32 5.80 -1.64 -9.82
C HIS A 32 6.53 -0.55 -9.03
N LEU A 33 7.84 -0.36 -9.25
CA LEU A 33 8.49 0.67 -8.47
C LEU A 33 7.94 2.06 -8.80
N PRO A 34 7.83 2.48 -10.07
CA PRO A 34 7.24 3.80 -10.33
C PRO A 34 5.79 3.88 -9.92
N LEU A 35 5.03 2.78 -10.05
CA LEU A 35 3.65 2.82 -9.59
C LEU A 35 3.58 3.09 -8.10
N LEU A 36 4.45 2.45 -7.31
CA LEU A 36 4.40 2.64 -5.87
C LEU A 36 4.92 4.03 -5.46
N ASN A 37 5.83 4.62 -6.25
CA ASN A 37 6.19 6.02 -5.98
C ASN A 37 5.03 6.94 -6.29
N LEU A 38 4.22 6.60 -7.29
CA LEU A 38 3.06 7.42 -7.62
C LEU A 38 2.01 7.31 -6.54
N MET A 39 1.73 6.08 -6.09
CA MET A 39 0.57 5.81 -5.27
C MET A 39 0.81 5.94 -3.78
N LEU A 40 2.06 5.96 -3.31
CA LEU A 40 2.38 6.08 -1.89
C LEU A 40 3.24 7.30 -1.61
N THR A 41 3.16 7.83 -0.38
CA THR A 41 4.08 8.88 0.03
C THR A 41 5.37 8.26 0.55
N PRO A 42 6.46 9.04 0.61
CA PRO A 42 7.68 8.53 1.26
C PRO A 42 7.44 8.01 2.67
N ASP A 43 6.62 8.73 3.46
CA ASP A 43 6.37 8.27 4.82
C ASP A 43 5.62 6.95 4.82
N GLU A 44 4.68 6.77 3.88
CA GLU A 44 3.94 5.52 3.80
C GLU A 44 4.86 4.37 3.37
N ARG A 45 5.77 4.64 2.43
CA ARG A 45 6.74 3.61 2.05
C ARG A 45 7.62 3.25 3.22
N GLU A 46 8.08 4.24 3.99
CA GLU A 46 8.92 3.93 5.13
C GLU A 46 8.15 3.13 6.17
N ALA A 47 6.89 3.48 6.41
CA ALA A 47 6.08 2.71 7.34
C ALA A 47 5.96 1.24 6.92
N LEU A 48 5.73 0.99 5.63
CA LEU A 48 5.63 -0.39 5.15
C LEU A 48 6.95 -1.13 5.34
N GLY A 49 8.08 -0.48 5.06
CA GLY A 49 9.37 -1.12 5.30
C GLY A 49 9.56 -1.46 6.76
N THR A 50 9.13 -0.57 7.66
CA THR A 50 9.26 -0.84 9.08
C THR A 50 8.31 -1.94 9.52
N ARG A 51 7.12 -1.99 8.93
CA ARG A 51 6.16 -3.02 9.32
C ARG A 51 6.67 -4.41 8.97
N VAL A 52 7.43 -4.55 7.89
CA VAL A 52 8.05 -5.83 7.57
C VAL A 52 8.96 -6.29 8.70
N ARG A 53 9.78 -5.36 9.22
CA ARG A 53 10.67 -5.72 10.32
C ARG A 53 9.90 -6.04 11.60
N ILE A 54 8.77 -5.35 11.83
CA ILE A 54 7.95 -5.69 12.99
C ILE A 54 7.44 -7.12 12.88
N VAL A 55 6.91 -7.48 11.71
CA VAL A 55 6.45 -8.85 11.49
C VAL A 55 7.58 -9.84 11.72
N GLU A 56 8.74 -9.56 11.10
CA GLU A 56 9.89 -10.46 11.23
C GLU A 56 10.23 -10.70 12.69
N GLU A 57 10.34 -9.63 13.47
CA GLU A 57 10.76 -9.79 14.86
C GLU A 57 9.65 -10.38 15.73
N LEU A 58 8.39 -10.14 15.40
CA LEU A 58 7.30 -10.78 16.13
C LEU A 58 7.27 -12.29 15.89
N LEU A 59 7.42 -12.69 14.63
CA LEU A 59 7.53 -14.12 14.32
C LEU A 59 8.75 -14.74 14.97
N ARG A 60 9.86 -14.01 15.00
CA ARG A 60 11.08 -14.52 15.62
C ARG A 60 10.90 -14.69 17.13
N GLY A 61 10.15 -13.79 17.76
CA GLY A 61 9.85 -13.91 19.17
C GLY A 61 11.02 -13.69 20.10
N GLU A 62 12.13 -13.16 19.60
CA GLU A 62 13.33 -12.99 20.40
C GLU A 62 13.37 -11.64 21.11
N MET A 63 13.15 -10.56 20.38
CA MET A 63 13.30 -9.23 20.96
C MET A 63 12.07 -8.91 21.81
N SER A 64 12.32 -8.24 22.95
CA SER A 64 11.22 -7.76 23.76
C SER A 64 10.52 -6.59 23.06
N GLN A 65 9.40 -6.15 23.63
CA GLN A 65 8.73 -4.97 23.09
C GLN A 65 9.59 -3.73 23.28
N ARG A 66 10.28 -3.64 24.41
CA ARG A 66 11.24 -2.56 24.61
C ARG A 66 12.38 -2.64 23.59
N GLU A 67 12.89 -3.84 23.33
CA GLU A 67 13.94 -3.99 22.33
C GLU A 67 13.43 -3.64 20.93
N LEU A 68 12.18 -4.03 20.62
CA LEU A 68 11.61 -3.69 19.32
C LEU A 68 11.37 -2.19 19.20
N LYS A 69 10.85 -1.57 20.25
CA LYS A 69 10.68 -0.11 20.25
C LYS A 69 12.02 0.59 20.06
N ASN A 70 13.03 0.22 20.84
CA ASN A 70 14.34 0.86 20.74
C ASN A 70 14.97 0.63 19.36
N GLU A 71 14.83 -0.58 18.82
CA GLU A 71 15.50 -0.90 17.57
C GLU A 71 14.88 -0.17 16.39
N LEU A 72 13.55 -0.03 16.38
CA LEU A 72 12.84 0.49 15.22
C LEU A 72 12.30 1.90 15.40
N GLY A 73 12.36 2.45 16.61
CA GLY A 73 11.68 3.71 16.87
C GLY A 73 10.17 3.62 16.76
N ALA A 74 9.60 2.45 17.04
CA ALA A 74 8.18 2.19 16.87
C ALA A 74 7.52 2.12 18.24
N GLY A 75 6.55 2.98 18.49
CA GLY A 75 5.84 3.01 19.75
C GLY A 75 5.15 1.69 20.07
N ILE A 76 4.72 1.57 21.33
CA ILE A 76 4.05 0.36 21.78
C ILE A 76 2.74 0.16 21.01
N ALA A 77 2.00 1.25 20.77
CA ALA A 77 0.75 1.16 20.03
C ALA A 77 0.97 0.60 18.63
N THR A 78 2.09 0.96 18.01
CA THR A 78 2.40 0.44 16.67
C THR A 78 2.74 -1.05 16.74
N ILE A 79 3.56 -1.46 17.70
CA ILE A 79 3.90 -2.87 17.86
C ILE A 79 2.65 -3.69 18.15
N THR A 80 1.75 -3.14 18.98
CA THR A 80 0.52 -3.85 19.33
C THR A 80 -0.40 -4.01 18.13
N ARG A 81 -0.53 -2.96 17.31
CA ARG A 81 -1.36 -3.05 16.12
C ARG A 81 -0.85 -4.13 15.18
N GLY A 82 0.46 -4.29 15.08
CA GLY A 82 1.02 -5.34 14.25
C GLY A 82 0.80 -6.72 14.83
N SER A 83 0.99 -6.86 16.16
CA SER A 83 0.73 -8.13 16.81
C SER A 83 -0.74 -8.53 16.68
N ASN A 84 -1.64 -7.57 16.83
CA ASN A 84 -3.07 -7.87 16.68
C ASN A 84 -3.39 -8.31 15.27
N SER A 85 -2.81 -7.63 14.28
CA SER A 85 -3.05 -8.02 12.89
C SER A 85 -2.44 -9.37 12.58
N LEU A 86 -1.29 -9.68 13.16
CA LEU A 86 -0.70 -11.00 12.97
C LEU A 86 -1.62 -12.08 13.51
N LYS A 87 -2.37 -11.78 14.59
CA LYS A 87 -3.28 -12.76 15.16
C LYS A 87 -4.43 -13.10 14.22
N ALA A 88 -4.81 -12.17 13.35
CA ALA A 88 -5.89 -12.38 12.41
C ALA A 88 -5.43 -12.98 11.08
N ALA A 89 -4.13 -13.16 10.89
CA ALA A 89 -3.64 -13.65 9.62
C ALA A 89 -3.96 -15.13 9.47
N PRO A 90 -4.20 -15.59 8.25
CA PRO A 90 -4.45 -17.02 8.03
C PRO A 90 -3.16 -17.81 8.17
N VAL A 91 -3.33 -19.09 8.53
CA VAL A 91 -2.17 -19.94 8.80
C VAL A 91 -1.24 -19.99 7.60
N GLU A 92 -1.80 -20.06 6.39
CA GLU A 92 -0.96 -20.15 5.20
C GLU A 92 -0.07 -18.92 5.07
N LEU A 93 -0.58 -17.75 5.48
CA LEU A 93 0.25 -16.55 5.39
C LEU A 93 1.34 -16.57 6.45
N ARG A 94 0.99 -16.90 7.70
CA ARG A 94 1.99 -16.93 8.76
C ARG A 94 3.09 -17.95 8.46
N GLN A 95 2.71 -19.13 7.96
CA GLN A 95 3.71 -20.14 7.63
C GLN A 95 4.63 -19.66 6.52
N TRP A 96 4.06 -19.00 5.50
CA TRP A 96 4.87 -18.46 4.40
C TRP A 96 5.79 -17.36 4.89
N LEU A 97 5.27 -16.43 5.71
CA LEU A 97 6.10 -15.37 6.27
C LEU A 97 7.27 -15.93 7.07
N GLU A 98 7.02 -17.00 7.84
CA GLU A 98 8.10 -17.66 8.57
C GLU A 98 9.16 -18.19 7.62
N GLU A 99 8.74 -18.90 6.56
CA GLU A 99 9.66 -19.41 5.56
C GLU A 99 10.52 -18.31 4.94
N VAL A 100 9.91 -17.16 4.63
CA VAL A 100 10.61 -16.11 3.87
C VAL A 100 11.38 -15.17 4.79
N LEU A 101 10.79 -14.75 5.91
CA LEU A 101 11.45 -13.75 6.75
C LEU A 101 12.48 -14.37 7.69
N LEU A 102 12.22 -15.57 8.21
CA LEU A 102 13.10 -16.19 9.18
C LEU A 102 14.15 -17.05 8.46
N LYS A 103 15.05 -16.35 7.78
CA LYS A 103 16.10 -16.96 6.96
C LYS A 103 15.50 -17.83 5.86
N ALA B 6 21.87 10.85 4.87
CA ALA B 6 22.99 9.93 4.67
C ALA B 6 22.85 8.68 5.54
N ALA B 7 23.43 7.58 5.08
CA ALA B 7 23.49 6.32 5.82
C ALA B 7 22.12 5.72 6.09
N MET B 8 21.30 6.41 6.87
CA MET B 8 19.94 5.93 7.15
C MET B 8 19.11 5.86 5.86
N ALA B 9 19.36 6.77 4.91
CA ALA B 9 18.64 6.73 3.65
C ALA B 9 18.84 5.39 2.94
N GLU B 10 20.07 4.88 2.94
CA GLU B 10 20.30 3.56 2.36
C GLU B 10 19.59 2.48 3.18
N GLN B 11 19.64 2.59 4.52
CA GLN B 11 18.93 1.64 5.37
C GLN B 11 17.45 1.59 5.03
N ARG B 12 16.81 2.76 4.95
CA ARG B 12 15.39 2.79 4.60
C ARG B 12 15.14 2.22 3.21
N HIS B 13 16.04 2.50 2.27
CA HIS B 13 15.82 2.01 0.91
C HIS B 13 15.87 0.49 0.85
N GLN B 14 16.80 -0.13 1.58
CA GLN B 14 16.82 -1.58 1.62
C GLN B 14 15.57 -2.12 2.29
N GLU B 15 15.09 -1.45 3.33
CA GLU B 15 13.87 -1.90 3.99
C GLU B 15 12.67 -1.81 3.04
N TRP B 16 12.61 -0.76 2.24
CA TRP B 16 11.52 -0.62 1.28
C TRP B 16 11.60 -1.69 0.20
N LEU B 17 12.79 -1.93 -0.35
CA LEU B 17 12.93 -2.96 -1.36
C LEU B 17 12.59 -4.34 -0.82
N ARG B 18 12.85 -4.58 0.47
CA ARG B 18 12.46 -5.84 1.08
C ARG B 18 10.95 -6.03 1.08
N PHE B 19 10.20 -4.96 1.40
CA PHE B 19 8.75 -5.03 1.27
C PHE B 19 8.33 -5.28 -0.17
N VAL B 20 8.91 -4.53 -1.11
CA VAL B 20 8.55 -4.70 -2.52
C VAL B 20 8.75 -6.14 -2.96
N ASP B 21 9.85 -6.77 -2.51
CA ASP B 21 10.12 -8.14 -2.91
C ASP B 21 9.20 -9.14 -2.21
N LEU B 22 8.89 -8.89 -0.94
CA LEU B 22 7.95 -9.74 -0.23
C LEU B 22 6.58 -9.73 -0.91
N LEU B 23 6.09 -8.55 -1.26
CA LEU B 23 4.79 -8.45 -1.93
C LEU B 23 4.85 -9.06 -3.33
N LYS B 24 5.95 -8.84 -4.04
CA LYS B 24 6.17 -9.49 -5.35
C LYS B 24 5.97 -11.00 -5.23
N ASN B 25 6.58 -11.60 -4.22
CA ASN B 25 6.51 -13.05 -4.05
C ASN B 25 5.16 -13.48 -3.51
N ALA B 26 4.50 -12.61 -2.73
CA ALA B 26 3.13 -12.91 -2.29
C ALA B 26 2.18 -13.01 -3.48
N TYR B 27 2.26 -12.07 -4.43
CA TYR B 27 1.45 -12.18 -5.63
C TYR B 27 1.69 -13.52 -6.34
N GLN B 28 2.96 -13.96 -6.39
CA GLN B 28 3.31 -15.20 -7.04
C GLN B 28 2.72 -16.41 -6.35
N ASN B 29 2.41 -16.30 -5.06
CA ASN B 29 1.92 -17.42 -4.27
C ASN B 29 0.47 -17.26 -3.85
N ASP B 30 -0.23 -16.26 -4.43
CA ASP B 30 -1.64 -15.97 -4.16
C ASP B 30 -1.89 -15.65 -2.69
N LEU B 31 -0.89 -15.06 -2.03
CA LEU B 31 -1.03 -14.61 -0.66
C LEU B 31 -1.04 -13.10 -0.57
N HIS B 32 -1.18 -12.40 -1.71
CA HIS B 32 -1.13 -10.94 -1.71
C HIS B 32 -2.30 -10.33 -0.96
N LEU B 33 -3.51 -10.89 -1.09
CA LEU B 33 -4.64 -10.31 -0.38
C LEU B 33 -4.46 -10.40 1.13
N PRO B 34 -4.21 -11.57 1.73
CA PRO B 34 -3.97 -11.56 3.18
C PRO B 34 -2.74 -10.78 3.60
N LEU B 35 -1.66 -10.81 2.79
CA LEU B 35 -0.50 -10.00 3.14
C LEU B 35 -0.87 -8.53 3.24
N LEU B 36 -1.64 -8.03 2.29
CA LEU B 36 -2.01 -6.62 2.31
C LEU B 36 -3.03 -6.30 3.40
N ASN B 37 -3.80 -7.29 3.87
CA ASN B 37 -4.63 -7.08 5.05
C ASN B 37 -3.79 -7.02 6.32
N LEU B 38 -2.70 -7.77 6.37
CA LEU B 38 -1.79 -7.68 7.50
C LEU B 38 -1.03 -6.35 7.49
N MET B 39 -0.51 -5.96 6.33
CA MET B 39 0.44 -4.84 6.25
C MET B 39 -0.21 -3.46 6.19
N LEU B 40 -1.49 -3.36 5.86
CA LEU B 40 -2.13 -2.06 5.71
C LEU B 40 -3.35 -1.96 6.60
N THR B 41 -3.71 -0.72 6.97
CA THR B 41 -4.94 -0.55 7.73
C THR B 41 -6.11 -0.41 6.78
N PRO B 42 -7.34 -0.62 7.27
CA PRO B 42 -8.52 -0.34 6.43
C PRO B 42 -8.53 1.05 5.80
N ASP B 43 -8.15 2.08 6.57
CA ASP B 43 -8.12 3.44 6.03
C ASP B 43 -7.06 3.59 4.94
N GLU B 44 -5.91 2.92 5.10
CA GLU B 44 -4.88 2.99 4.07
C GLU B 44 -5.33 2.29 2.79
N ARG B 45 -6.01 1.14 2.89
CA ARG B 45 -6.53 0.49 1.70
C ARG B 45 -7.57 1.37 1.01
N GLU B 46 -8.42 2.02 1.80
CA GLU B 46 -9.41 2.91 1.19
C GLU B 46 -8.72 4.05 0.46
N ALA B 47 -7.68 4.63 1.06
CA ALA B 47 -7.01 5.74 0.39
C ALA B 47 -6.44 5.30 -0.93
N LEU B 48 -5.84 4.11 -0.98
CA LEU B 48 -5.25 3.62 -2.22
C LEU B 48 -6.33 3.37 -3.27
N GLY B 49 -7.46 2.81 -2.89
CA GLY B 49 -8.55 2.67 -3.84
C GLY B 49 -8.99 4.01 -4.39
N THR B 50 -8.99 5.04 -3.53
CA THR B 50 -9.43 6.35 -3.97
C THR B 50 -8.38 7.01 -4.83
N ARG B 51 -7.10 6.82 -4.50
CA ARG B 51 -6.02 7.36 -5.32
C ARG B 51 -6.04 6.81 -6.74
N VAL B 52 -6.43 5.53 -6.91
CA VAL B 52 -6.57 4.99 -8.27
C VAL B 52 -7.61 5.79 -9.05
N ARG B 53 -8.75 6.07 -8.41
CA ARG B 53 -9.78 6.84 -9.08
C ARG B 53 -9.34 8.28 -9.36
N ILE B 54 -8.55 8.87 -8.45
CA ILE B 54 -7.97 10.18 -8.74
C ILE B 54 -7.10 10.10 -9.99
N VAL B 55 -6.21 9.10 -10.07
CA VAL B 55 -5.35 8.98 -11.26
C VAL B 55 -6.21 8.82 -12.50
N GLU B 56 -7.22 7.95 -12.43
CA GLU B 56 -8.09 7.72 -13.58
C GLU B 56 -8.73 9.01 -14.05
N GLU B 57 -9.30 9.78 -13.12
CA GLU B 57 -10.01 10.96 -13.57
C GLU B 57 -9.06 12.08 -13.99
N LEU B 58 -7.86 12.14 -13.41
CA LEU B 58 -6.87 13.09 -13.91
C LEU B 58 -6.46 12.75 -15.33
N LEU B 59 -6.20 11.47 -15.60
CA LEU B 59 -5.85 11.07 -16.97
C LEU B 59 -7.00 11.32 -17.94
N ARG B 60 -8.24 11.10 -17.48
CA ARG B 60 -9.38 11.28 -18.38
C ARG B 60 -9.54 12.74 -18.78
N GLY B 61 -9.28 13.64 -17.84
CA GLY B 61 -9.19 15.06 -18.13
C GLY B 61 -10.49 15.80 -18.21
N GLU B 62 -11.60 15.16 -17.82
CA GLU B 62 -12.91 15.79 -17.98
C GLU B 62 -13.32 16.57 -16.74
N MET B 63 -12.98 16.08 -15.55
CA MET B 63 -13.41 16.74 -14.32
C MET B 63 -12.43 17.82 -13.89
N SER B 64 -12.97 18.97 -13.47
CA SER B 64 -12.20 19.95 -12.74
C SER B 64 -11.81 19.40 -11.38
N GLN B 65 -10.91 20.10 -10.70
CA GLN B 65 -10.54 19.70 -9.35
C GLN B 65 -11.76 19.73 -8.43
N ARG B 66 -12.62 20.75 -8.58
CA ARG B 66 -13.83 20.85 -7.77
C ARG B 66 -14.78 19.71 -8.06
N GLU B 67 -14.91 19.35 -9.34
CA GLU B 67 -15.81 18.25 -9.70
C GLU B 67 -15.27 16.92 -9.18
N LEU B 68 -13.94 16.74 -9.24
CA LEU B 68 -13.34 15.54 -8.71
C LEU B 68 -13.52 15.46 -7.20
N LYS B 69 -13.44 16.62 -6.52
CA LYS B 69 -13.70 16.66 -5.09
C LYS B 69 -15.13 16.27 -4.77
N ASN B 70 -16.10 16.82 -5.51
CA ASN B 70 -17.49 16.48 -5.26
C ASN B 70 -17.75 15.00 -5.49
N GLU B 71 -17.11 14.41 -6.49
CA GLU B 71 -17.39 13.01 -6.81
C GLU B 71 -16.78 12.06 -5.77
N LEU B 72 -15.54 12.33 -5.35
CA LEU B 72 -14.76 11.38 -4.56
C LEU B 72 -14.70 11.72 -3.08
N GLY B 73 -15.04 12.96 -2.69
CA GLY B 73 -14.79 13.38 -1.34
C GLY B 73 -13.35 13.72 -1.04
N ALA B 74 -12.49 13.74 -2.04
CA ALA B 74 -11.10 14.11 -1.85
C ALA B 74 -10.96 15.63 -1.94
N GLY B 75 -10.29 16.21 -0.95
CA GLY B 75 -10.12 17.65 -0.94
C GLY B 75 -9.23 18.17 -2.04
N ILE B 76 -9.24 19.50 -2.20
CA ILE B 76 -8.44 20.13 -3.24
C ILE B 76 -6.96 19.80 -3.05
N ALA B 77 -6.49 19.79 -1.80
CA ALA B 77 -5.07 19.52 -1.59
C ALA B 77 -4.72 18.06 -1.92
N THR B 78 -5.60 17.12 -1.58
CA THR B 78 -5.40 15.72 -1.96
C THR B 78 -5.34 15.56 -3.46
N ILE B 79 -6.25 16.22 -4.18
CA ILE B 79 -6.25 16.11 -5.63
C ILE B 79 -4.98 16.74 -6.20
N THR B 80 -4.54 17.86 -5.60
CA THR B 80 -3.32 18.51 -6.06
C THR B 80 -2.10 17.63 -5.82
N ARG B 81 -2.05 16.94 -4.68
CA ARG B 81 -1.00 15.96 -4.44
C ARG B 81 -0.98 14.92 -5.56
N GLY B 82 -2.16 14.42 -5.92
CA GLY B 82 -2.22 13.42 -6.96
C GLY B 82 -1.75 13.94 -8.28
N SER B 83 -2.19 15.16 -8.65
CA SER B 83 -1.79 15.71 -9.94
CA SER B 83 -1.78 15.75 -9.93
C SER B 83 -0.28 15.98 -9.97
N ASN B 84 0.29 16.52 -8.88
CA ASN B 84 1.73 16.73 -8.86
C ASN B 84 2.48 15.40 -8.94
N SER B 85 1.97 14.35 -8.29
CA SER B 85 2.66 13.06 -8.37
C SER B 85 2.56 12.47 -9.77
N LEU B 86 1.40 12.59 -10.39
CA LEU B 86 1.22 12.08 -11.75
C LEU B 86 2.12 12.83 -12.74
N LYS B 87 2.24 14.16 -12.57
CA LYS B 87 3.15 14.90 -13.45
C LYS B 87 4.60 14.45 -13.27
N ALA B 88 4.96 13.95 -12.09
CA ALA B 88 6.30 13.47 -11.80
C ALA B 88 6.55 12.04 -12.26
N ALA B 89 5.50 11.33 -12.67
CA ALA B 89 5.73 9.93 -12.98
C ALA B 89 6.43 9.77 -14.32
N PRO B 90 7.20 8.69 -14.49
CA PRO B 90 7.83 8.45 -15.79
C PRO B 90 6.80 8.27 -16.89
N VAL B 91 7.19 8.67 -18.10
CA VAL B 91 6.28 8.62 -19.24
C VAL B 91 5.73 7.20 -19.44
N GLU B 92 6.59 6.19 -19.33
CA GLU B 92 6.12 4.84 -19.61
C GLU B 92 5.02 4.43 -18.64
N LEU B 93 5.13 4.85 -17.37
CA LEU B 93 4.06 4.52 -16.44
C LEU B 93 2.77 5.24 -16.80
N ARG B 94 2.87 6.53 -17.13
CA ARG B 94 1.69 7.30 -17.49
C ARG B 94 0.99 6.69 -18.69
N GLN B 95 1.75 6.33 -19.74
CA GLN B 95 1.15 5.72 -20.92
C GLN B 95 0.47 4.40 -20.59
N TRP B 96 1.10 3.59 -19.75
CA TRP B 96 0.50 2.32 -19.36
C TRP B 96 -0.78 2.54 -18.55
N LEU B 97 -0.74 3.48 -17.59
CA LEU B 97 -1.93 3.77 -16.80
C LEU B 97 -3.10 4.22 -17.66
N GLU B 98 -2.84 5.02 -18.71
CA GLU B 98 -3.93 5.40 -19.61
C GLU B 98 -4.60 4.17 -20.21
N GLU B 99 -3.80 3.18 -20.61
CA GLU B 99 -4.33 1.97 -21.21
C GLU B 99 -5.10 1.14 -20.20
N VAL B 100 -4.57 1.01 -18.98
CA VAL B 100 -5.21 0.09 -18.05
C VAL B 100 -6.43 0.73 -17.40
N LEU B 101 -6.38 2.03 -17.10
CA LEU B 101 -7.43 2.67 -16.34
C LEU B 101 -8.54 3.28 -17.19
N LEU B 102 -8.26 3.64 -18.44
CA LEU B 102 -9.27 4.19 -19.33
C LEU B 102 -9.74 3.21 -20.39
N LYS B 103 -9.03 2.10 -20.59
CA LYS B 103 -9.47 1.07 -21.53
C LYS B 103 -9.01 -0.32 -21.07
C10 CVW C . 2.37 -4.22 11.35
C13 CVW C . 2.95 -5.52 11.06
C02 CVW C . -2.66 -3.48 10.35
C03 CVW C . -1.72 -2.44 9.65
C04 CVW C . -0.65 -1.95 10.58
C05 CVW C . -0.64 -0.69 11.28
C07 CVW C . 1.19 -1.75 11.93
C08 CVW C . 2.41 -2.10 12.54
C09 CVW C . 2.98 -3.37 12.21
C11 CVW C . 1.11 -3.87 10.73
C12 CVW C . 0.53 -2.62 11.01
N01 CVW C . -3.39 -4.43 9.46
N06 CVW C . 0.46 -0.56 12.09
C10 CVW D . -2.76 10.32 -5.74
C13 CVW D . -2.90 9.85 -7.14
C02 CVW D . 1.91 10.53 -3.72
C03 CVW D . 0.92 9.64 -2.86
C04 CVW D . -0.38 10.30 -2.73
C05 CVW D . -0.89 11.00 -1.58
C07 CVW D . -2.47 11.20 -3.12
C08 CVW D . -3.65 11.51 -3.81
C09 CVW D . -3.77 11.03 -5.16
C11 CVW D . -1.56 10.01 -5.03
C12 CVW D . -1.41 10.44 -3.72
N01 CVW D . 3.12 9.84 -4.20
N06 CVW D . -2.12 11.53 -1.79
#